data_7T80
#
_entry.id   7T80
#
_cell.length_a   76.073
_cell.length_b   76.073
_cell.length_c   201.319
_cell.angle_alpha   90.000
_cell.angle_beta   90.000
_cell.angle_gamma   120.000
#
_symmetry.space_group_name_H-M   'P 32 2 1'
#
loop_
_entity.id
_entity.type
_entity.pdbx_description
1 polymer Cadherin-23
2 non-polymer 'CALCIUM ION'
3 non-polymer 'CHLORIDE ION'
4 water water
#
_entity_poly.entity_id   1
_entity_poly.type   'polypeptide(L)'
_entity_poly.pdbx_seq_one_letter_code
;MNDPVLLNLPMNVTISENSPVSSFVAHVLASDADSGCNALLTFNITAGNRERAFFINATTGIVTVNRPLDRERIPEYRLT
VSVKDNPENPRIARKDFDLLLVSLADENDNHPLFTEGTYQAEVMENSPAGTPLTVLNGPILALDADEDVYAVVTYQLLGT
HSDLFVIDNSTGVVTVRSGIIIDREAFSPPFLELLLLAEDIGQLNGTAHLFITILDDNLEHHHHHH
;
_entity_poly.pdbx_strand_id   A,B
#
# COMPACT_ATOMS: atom_id res chain seq x y z
N ASN A 2 13.44 14.03 7.77
CA ASN A 2 12.86 12.95 6.90
C ASN A 2 12.14 13.57 5.70
N ASP A 3 10.80 13.64 5.76
CA ASP A 3 9.89 13.70 4.60
C ASP A 3 8.53 14.28 5.02
N PRO A 4 7.77 14.87 4.07
CA PRO A 4 6.35 15.14 4.27
C PRO A 4 5.54 13.86 4.03
N VAL A 5 4.33 13.83 4.55
CA VAL A 5 3.51 12.59 4.54
C VAL A 5 2.12 12.87 3.95
N LEU A 6 1.74 12.07 2.95
CA LEU A 6 0.34 11.91 2.49
C LEU A 6 -0.41 11.10 3.54
N LEU A 7 -1.41 11.71 4.18
CA LEU A 7 -2.16 11.15 5.33
C LEU A 7 -3.26 10.19 4.88
N ASN A 8 -3.98 10.47 3.79
CA ASN A 8 -5.22 9.73 3.44
C ASN A 8 -5.08 9.01 2.10
N LEU A 9 -3.86 8.89 1.58
CA LEU A 9 -3.54 8.09 0.38
C LEU A 9 -2.71 6.91 0.88
N PRO A 10 -2.82 5.68 0.32
CA PRO A 10 -3.70 5.40 -0.82
C PRO A 10 -5.21 5.39 -0.54
N MET A 11 -6.02 5.75 -1.53
CA MET A 11 -7.51 5.88 -1.39
C MET A 11 -8.16 5.38 -2.69
N ASN A 12 -9.25 4.63 -2.57
CA ASN A 12 -10.22 4.27 -3.62
C ASN A 12 -11.45 5.19 -3.51
N VAL A 13 -11.87 5.81 -4.61
CA VAL A 13 -13.13 6.60 -4.70
C VAL A 13 -13.84 6.20 -5.99
N THR A 14 -15.17 6.08 -5.89
CA THR A 14 -16.12 5.88 -7.00
C THR A 14 -16.80 7.23 -7.24
N ILE A 15 -16.79 7.70 -8.49
CA ILE A 15 -17.57 8.89 -8.93
C ILE A 15 -18.40 8.47 -10.14
N SER A 16 -19.48 9.20 -10.40
CA SER A 16 -20.36 8.99 -11.56
C SER A 16 -19.53 9.20 -12.83
N GLU A 17 -19.65 8.34 -13.81
CA GLU A 17 -19.08 8.67 -15.15
C GLU A 17 -19.68 9.97 -15.70
N ASN A 18 -20.80 10.48 -15.17
CA ASN A 18 -21.39 11.76 -15.64
C ASN A 18 -20.92 12.96 -14.80
N SER A 19 -20.04 12.76 -13.83
CA SER A 19 -19.48 13.88 -13.01
C SER A 19 -19.01 14.94 -13.98
N PRO A 20 -19.53 16.18 -13.90
CA PRO A 20 -19.15 17.21 -14.85
C PRO A 20 -17.76 17.77 -14.53
N VAL A 21 -17.14 18.41 -15.51
CA VAL A 21 -15.85 19.13 -15.38
C VAL A 21 -15.93 20.07 -14.17
N SER A 22 -14.90 20.07 -13.34
CA SER A 22 -14.67 20.86 -12.10
C SER A 22 -15.45 20.33 -10.88
N SER A 23 -16.18 19.22 -10.99
CA SER A 23 -16.80 18.55 -9.82
C SER A 23 -15.69 17.91 -9.01
N PHE A 24 -15.89 17.89 -7.70
CA PHE A 24 -14.99 17.42 -6.64
C PHE A 24 -14.87 15.90 -6.75
N VAL A 25 -13.64 15.38 -6.69
CA VAL A 25 -13.32 13.91 -6.67
C VAL A 25 -12.76 13.54 -5.29
N ALA A 26 -11.74 14.26 -4.80
CA ALA A 26 -11.08 13.95 -3.51
C ALA A 26 -10.35 15.17 -2.96
N HIS A 27 -10.16 15.18 -1.64
CA HIS A 27 -9.30 16.12 -0.88
C HIS A 27 -8.11 15.31 -0.34
N VAL A 28 -6.93 15.49 -0.91
CA VAL A 28 -5.66 14.85 -0.49
C VAL A 28 -5.08 15.66 0.68
N LEU A 29 -4.79 15.00 1.80
CA LEU A 29 -4.29 15.66 3.03
C LEU A 29 -2.81 15.32 3.24
N ALA A 30 -2.02 16.23 3.76
CA ALA A 30 -0.59 15.99 4.02
C ALA A 30 -0.16 16.66 5.32
N SER A 31 0.91 16.15 5.93
CA SER A 31 1.57 16.75 7.12
C SER A 31 3.09 16.78 6.88
N ASP A 32 3.75 17.80 7.40
CA ASP A 32 5.24 17.86 7.51
C ASP A 32 5.62 17.97 8.99
N ALA A 33 5.03 17.13 9.84
CA ALA A 33 5.28 17.09 11.31
C ALA A 33 6.35 16.05 11.64
N ASP A 34 6.68 15.17 10.69
CA ASP A 34 7.77 14.15 10.76
C ASP A 34 9.11 14.87 11.01
N SER A 35 9.58 15.67 10.04
CA SER A 35 10.83 16.46 10.07
C SER A 35 10.70 17.68 11.01
N GLY A 36 9.47 18.06 11.39
CA GLY A 36 9.17 19.15 12.36
C GLY A 36 9.30 20.53 11.75
N CYS A 37 9.55 20.61 10.44
CA CYS A 37 9.83 21.85 9.64
C CYS A 37 8.55 22.69 9.46
N ASN A 38 7.42 22.02 9.15
CA ASN A 38 6.09 22.63 8.83
C ASN A 38 6.24 23.63 7.68
N ALA A 39 7.02 23.28 6.64
CA ALA A 39 7.24 24.09 5.41
C ALA A 39 5.97 24.03 4.53
N LEU A 40 5.80 24.99 3.59
CA LEU A 40 4.60 25.11 2.71
C LEU A 40 4.61 24.00 1.66
N LEU A 41 3.47 23.31 1.47
CA LEU A 41 3.37 22.07 0.65
C LEU A 41 2.62 22.33 -0.67
N THR A 42 3.16 21.74 -1.74
CA THR A 42 2.74 21.78 -3.16
C THR A 42 2.32 20.35 -3.51
N PHE A 43 1.15 20.16 -4.11
CA PHE A 43 0.63 18.87 -4.62
C PHE A 43 0.76 18.82 -6.14
N ASN A 44 0.82 17.62 -6.70
CA ASN A 44 0.79 17.44 -8.18
C ASN A 44 0.39 15.99 -8.47
N ILE A 45 -0.18 15.74 -9.65
CA ILE A 45 -0.43 14.37 -10.19
C ILE A 45 0.71 14.04 -11.17
N THR A 46 1.55 13.04 -10.88
CA THR A 46 2.82 12.78 -11.60
C THR A 46 2.68 11.62 -12.59
N ALA A 47 1.64 10.80 -12.50
CA ALA A 47 1.45 9.64 -13.39
C ALA A 47 0.00 9.17 -13.36
N GLY A 48 -0.42 8.46 -14.41
CA GLY A 48 -1.76 7.85 -14.52
C GLY A 48 -2.80 8.83 -15.05
N ASN A 49 -2.44 10.11 -15.21
CA ASN A 49 -3.41 11.18 -15.56
C ASN A 49 -3.61 11.15 -17.07
N ARG A 50 -4.37 10.15 -17.52
CA ARG A 50 -4.64 9.83 -18.94
C ARG A 50 -5.47 10.97 -19.55
N GLU A 51 -4.86 11.68 -20.50
CA GLU A 51 -5.48 12.82 -21.24
C GLU A 51 -5.85 13.91 -20.24
N ARG A 52 -5.10 14.02 -19.14
CA ARG A 52 -5.33 15.04 -18.08
C ARG A 52 -6.84 15.12 -17.79
N ALA A 53 -7.47 13.97 -17.56
CA ALA A 53 -8.88 13.87 -17.13
C ALA A 53 -9.04 14.44 -15.71
N PHE A 54 -7.96 14.60 -14.93
CA PHE A 54 -8.04 15.14 -13.55
C PHE A 54 -7.12 16.32 -13.37
N PHE A 55 -7.48 17.14 -12.39
CA PHE A 55 -6.87 18.44 -12.08
C PHE A 55 -6.75 18.48 -10.56
N ILE A 56 -5.56 18.80 -10.08
CA ILE A 56 -5.33 18.96 -8.63
C ILE A 56 -4.93 20.40 -8.38
N ASN A 57 -5.59 21.01 -7.43
CA ASN A 57 -5.26 22.38 -6.98
C ASN A 57 -3.93 22.25 -6.22
N ALA A 58 -2.88 22.94 -6.64
CA ALA A 58 -1.51 22.66 -6.15
C ALA A 58 -1.31 23.10 -4.70
N THR A 59 -2.14 23.99 -4.16
CA THR A 59 -2.00 24.49 -2.76
C THR A 59 -2.96 23.75 -1.82
N THR A 60 -4.17 23.40 -2.26
CA THR A 60 -5.21 22.85 -1.34
C THR A 60 -5.28 21.31 -1.38
N GLY A 61 -4.77 20.69 -2.44
CA GLY A 61 -4.81 19.24 -2.63
C GLY A 61 -6.18 18.74 -3.10
N ILE A 62 -7.10 19.63 -3.48
CA ILE A 62 -8.43 19.20 -4.00
C ILE A 62 -8.25 18.70 -5.44
N VAL A 63 -8.71 17.50 -5.73
CA VAL A 63 -8.74 16.92 -7.09
C VAL A 63 -10.15 17.13 -7.66
N THR A 64 -10.22 17.69 -8.86
CA THR A 64 -11.47 17.93 -9.62
C THR A 64 -11.39 17.19 -10.97
N VAL A 65 -12.55 16.81 -11.48
CA VAL A 65 -12.73 16.34 -12.88
C VAL A 65 -12.28 17.44 -13.85
N ASN A 66 -11.49 17.08 -14.85
CA ASN A 66 -10.86 18.04 -15.78
C ASN A 66 -11.38 17.85 -17.21
N ARG A 67 -11.93 16.67 -17.55
CA ARG A 67 -12.53 16.41 -18.88
C ARG A 67 -13.76 15.54 -18.72
N PRO A 68 -14.66 15.53 -19.72
CA PRO A 68 -15.77 14.58 -19.76
C PRO A 68 -15.23 13.15 -19.67
N LEU A 69 -15.86 12.34 -18.81
CA LEU A 69 -15.46 10.95 -18.49
C LEU A 69 -16.43 10.00 -19.18
N ASP A 70 -16.04 8.74 -19.34
CA ASP A 70 -16.83 7.71 -20.05
C ASP A 70 -16.41 6.33 -19.54
N ARG A 71 -17.23 5.72 -18.69
CA ARG A 71 -16.90 4.40 -18.11
C ARG A 71 -16.63 3.43 -19.27
N GLU A 72 -17.36 3.60 -20.37
CA GLU A 72 -17.31 2.74 -21.59
C GLU A 72 -15.97 2.91 -22.31
N ARG A 73 -15.24 4.01 -22.07
CA ARG A 73 -13.96 4.30 -22.75
C ARG A 73 -12.80 3.98 -21.80
N ILE A 74 -12.69 4.69 -20.68
CA ILE A 74 -11.69 4.42 -19.62
C ILE A 74 -12.43 4.31 -18.29
N PRO A 75 -12.62 3.09 -17.76
CA PRO A 75 -13.40 2.86 -16.54
C PRO A 75 -12.70 3.12 -15.19
N GLU A 76 -11.38 3.24 -15.21
CA GLU A 76 -10.52 3.24 -13.99
C GLU A 76 -9.30 4.10 -14.26
N TYR A 77 -8.93 4.94 -13.31
CA TYR A 77 -7.67 5.69 -13.34
C TYR A 77 -6.86 5.39 -12.08
N ARG A 78 -5.56 5.16 -12.28
CA ARG A 78 -4.55 4.96 -11.23
C ARG A 78 -3.71 6.24 -11.20
N LEU A 79 -4.07 7.16 -10.30
CA LEU A 79 -3.42 8.49 -10.20
C LEU A 79 -2.30 8.42 -9.16
N THR A 80 -1.10 8.87 -9.53
CA THR A 80 0.00 9.05 -8.56
C THR A 80 0.01 10.52 -8.14
N VAL A 81 -0.26 10.78 -6.86
CA VAL A 81 -0.17 12.14 -6.28
C VAL A 81 1.15 12.27 -5.52
N SER A 82 1.75 13.44 -5.61
CA SER A 82 3.01 13.85 -4.96
C SER A 82 2.72 15.10 -4.14
N VAL A 83 3.34 15.18 -2.98
CA VAL A 83 3.46 16.43 -2.18
C VAL A 83 4.96 16.67 -1.96
N LYS A 84 5.40 17.93 -1.99
CA LYS A 84 6.82 18.33 -1.83
C LYS A 84 6.85 19.62 -1.01
N ASP A 85 7.94 19.94 -0.30
CA ASP A 85 8.19 21.31 0.23
C ASP A 85 8.85 22.13 -0.89
N ASN A 86 8.94 23.46 -0.75
CA ASN A 86 9.56 24.35 -1.77
C ASN A 86 10.67 25.14 -1.09
N PRO A 87 11.81 24.49 -0.77
CA PRO A 87 12.93 25.17 -0.14
C PRO A 87 13.73 25.92 -1.22
N GLU A 88 14.66 26.79 -0.78
CA GLU A 88 15.45 27.71 -1.64
C GLU A 88 16.13 26.91 -2.79
N ASN A 89 16.68 25.72 -2.49
CA ASN A 89 17.26 24.80 -3.50
C ASN A 89 16.19 23.78 -3.89
N PRO A 90 15.91 23.58 -5.20
CA PRO A 90 14.88 22.62 -5.61
C PRO A 90 15.28 21.12 -5.57
N ARG A 91 16.46 20.78 -5.00
CA ARG A 91 16.94 19.38 -4.84
C ARG A 91 16.98 18.98 -3.35
N ILE A 92 16.95 19.93 -2.40
CA ILE A 92 16.65 19.65 -0.96
C ILE A 92 15.20 19.11 -0.88
N ALA A 93 14.37 19.43 -1.88
CA ALA A 93 12.93 19.08 -2.01
C ALA A 93 12.67 17.68 -1.44
N ARG A 94 12.00 17.60 -0.28
CA ARG A 94 11.54 16.33 0.32
C ARG A 94 10.15 16.04 -0.25
N LYS A 95 9.88 14.79 -0.61
CA LYS A 95 8.65 14.37 -1.35
C LYS A 95 8.03 13.12 -0.72
N ASP A 96 6.73 12.92 -0.98
CA ASP A 96 5.97 11.68 -0.73
C ASP A 96 5.06 11.45 -1.95
N PHE A 97 4.77 10.18 -2.27
CA PHE A 97 4.04 9.71 -3.48
C PHE A 97 3.10 8.59 -3.03
N ASP A 98 1.83 8.59 -3.46
CA ASP A 98 0.90 7.47 -3.23
C ASP A 98 -0.28 7.58 -4.22
N LEU A 99 -1.20 6.61 -4.17
CA LEU A 99 -2.19 6.31 -5.24
C LEU A 99 -3.57 6.86 -4.85
N LEU A 100 -4.22 7.56 -5.77
CA LEU A 100 -5.68 7.85 -5.70
C LEU A 100 -6.31 7.06 -6.84
N LEU A 101 -7.04 6.00 -6.53
CA LEU A 101 -7.68 5.12 -7.55
C LEU A 101 -9.10 5.64 -7.77
N VAL A 102 -9.44 6.02 -9.00
CA VAL A 102 -10.77 6.58 -9.37
C VAL A 102 -11.45 5.51 -10.23
N SER A 103 -12.51 4.92 -9.69
CA SER A 103 -13.46 4.05 -10.41
C SER A 103 -14.65 4.90 -10.88
N LEU A 104 -15.08 4.74 -12.12
CA LEU A 104 -16.31 5.36 -12.68
C LEU A 104 -17.47 4.39 -12.46
N ALA A 105 -18.48 4.81 -11.70
CA ALA A 105 -19.76 4.09 -11.53
C ALA A 105 -20.54 4.26 -12.83
N ASP A 106 -21.21 3.19 -13.25
CA ASP A 106 -21.92 3.13 -14.55
C ASP A 106 -23.19 3.97 -14.48
N GLU A 107 -23.36 4.89 -15.43
CA GLU A 107 -24.65 5.57 -15.70
C GLU A 107 -25.29 4.92 -16.94
N ASN A 108 -26.62 4.94 -16.97
CA ASN A 108 -27.41 4.41 -18.10
C ASN A 108 -27.37 5.41 -19.25
N ASP A 109 -26.25 5.53 -19.96
CA ASP A 109 -26.10 6.53 -21.06
C ASP A 109 -26.06 5.80 -22.41
N ASN A 110 -26.35 4.51 -22.45
CA ASN A 110 -26.39 3.75 -23.72
C ASN A 110 -27.71 3.01 -23.82
N HIS A 111 -28.19 2.80 -25.04
CA HIS A 111 -29.46 2.09 -25.32
C HIS A 111 -29.17 0.87 -26.17
N PRO A 112 -30.05 -0.14 -26.11
CA PRO A 112 -29.92 -1.34 -26.93
C PRO A 112 -29.90 -0.96 -28.42
N LEU A 113 -28.87 -1.41 -29.13
CA LEU A 113 -28.66 -1.30 -30.59
C LEU A 113 -28.81 -2.69 -31.18
N PHE A 114 -29.82 -2.91 -32.02
CA PHE A 114 -29.96 -4.14 -32.82
C PHE A 114 -28.75 -4.27 -33.74
N THR A 115 -28.34 -5.52 -34.03
CA THR A 115 -27.18 -5.84 -34.89
C THR A 115 -27.51 -5.50 -36.36
N GLU A 116 -28.78 -5.32 -36.68
CA GLU A 116 -29.24 -4.93 -38.04
C GLU A 116 -30.34 -3.87 -37.89
N GLY A 117 -30.41 -2.95 -38.84
CA GLY A 117 -31.51 -1.99 -38.97
C GLY A 117 -32.80 -2.67 -39.41
N THR A 118 -32.65 -3.66 -40.27
CA THR A 118 -33.74 -4.46 -40.89
C THR A 118 -33.35 -5.95 -40.86
N TYR A 119 -34.14 -6.80 -40.22
CA TYR A 119 -33.95 -8.26 -40.27
C TYR A 119 -34.86 -8.81 -41.38
N GLN A 120 -34.30 -9.74 -42.16
CA GLN A 120 -34.97 -10.49 -43.26
C GLN A 120 -35.24 -11.90 -42.76
N ALA A 121 -36.51 -12.30 -42.68
CA ALA A 121 -36.94 -13.58 -42.11
C ALA A 121 -37.96 -14.25 -43.03
N GLU A 122 -38.17 -15.54 -42.82
CA GLU A 122 -39.13 -16.36 -43.57
C GLU A 122 -39.68 -17.44 -42.62
N VAL A 123 -41.00 -17.70 -42.74
CA VAL A 123 -41.79 -18.78 -42.09
C VAL A 123 -42.55 -19.53 -43.17
N MET A 124 -42.53 -20.86 -43.13
CA MET A 124 -43.33 -21.76 -44.01
C MET A 124 -44.78 -21.73 -43.54
N GLU A 125 -45.78 -21.63 -44.43
CA GLU A 125 -47.22 -21.73 -44.04
C GLU A 125 -47.50 -23.10 -43.39
N ASN A 126 -48.47 -23.15 -42.47
CA ASN A 126 -48.98 -24.36 -41.74
C ASN A 126 -48.00 -24.85 -40.68
N SER A 127 -46.81 -24.26 -40.57
CA SER A 127 -45.84 -24.49 -39.47
C SER A 127 -46.60 -24.57 -38.14
N PRO A 128 -46.29 -25.60 -37.32
CA PRO A 128 -46.89 -25.76 -35.99
C PRO A 128 -46.33 -24.83 -34.92
N ALA A 129 -47.10 -24.63 -33.84
CA ALA A 129 -46.69 -23.85 -32.64
C ALA A 129 -45.23 -24.17 -32.28
N GLY A 130 -44.46 -23.14 -31.93
CA GLY A 130 -43.08 -23.29 -31.46
C GLY A 130 -42.05 -23.28 -32.58
N THR A 131 -42.48 -23.33 -33.86
CA THR A 131 -41.56 -23.23 -35.01
C THR A 131 -40.90 -21.85 -34.97
N PRO A 132 -39.57 -21.76 -34.87
CA PRO A 132 -38.90 -20.46 -34.86
C PRO A 132 -38.88 -19.88 -36.29
N LEU A 133 -38.98 -18.55 -36.43
CA LEU A 133 -38.60 -17.81 -37.66
C LEU A 133 -37.25 -18.34 -38.10
N THR A 134 -37.03 -18.45 -39.41
CA THR A 134 -35.68 -18.47 -40.03
C THR A 134 -35.29 -17.00 -40.22
N VAL A 135 -34.26 -16.52 -39.51
CA VAL A 135 -33.73 -15.13 -39.64
C VAL A 135 -32.41 -15.18 -40.38
N LEU A 136 -32.38 -14.57 -41.57
CA LEU A 136 -31.34 -14.87 -42.59
C LEU A 136 -30.14 -13.98 -42.36
N ASN A 137 -30.34 -12.81 -41.72
CA ASN A 137 -29.21 -11.98 -41.27
C ASN A 137 -29.05 -12.15 -39.76
N GLY A 138 -28.33 -13.23 -39.38
CA GLY A 138 -27.85 -13.59 -38.03
C GLY A 138 -29.05 -13.66 -37.10
N PRO A 139 -28.84 -13.94 -35.79
CA PRO A 139 -29.96 -13.91 -34.83
C PRO A 139 -30.41 -12.47 -34.51
N ILE A 140 -31.66 -12.34 -34.12
CA ILE A 140 -32.21 -11.10 -33.52
C ILE A 140 -31.42 -10.85 -32.24
N LEU A 141 -30.79 -9.68 -32.15
CA LEU A 141 -29.89 -9.36 -31.02
C LEU A 141 -29.72 -7.86 -30.94
N ALA A 142 -29.95 -7.31 -29.76
CA ALA A 142 -29.58 -5.94 -29.41
C ALA A 142 -28.53 -6.00 -28.28
N LEU A 143 -27.50 -5.16 -28.40
CA LEU A 143 -26.38 -5.03 -27.45
C LEU A 143 -26.43 -3.64 -26.81
N ASP A 144 -26.36 -3.60 -25.48
CA ASP A 144 -26.31 -2.33 -24.70
C ASP A 144 -24.92 -2.28 -24.08
N ALA A 145 -24.16 -1.23 -24.42
CA ALA A 145 -22.75 -0.99 -24.02
C ALA A 145 -22.62 -0.68 -22.52
N ASP A 146 -23.67 -0.56 -21.73
CA ASP A 146 -23.52 -0.23 -20.29
C ASP A 146 -22.95 -1.46 -19.58
N GLU A 147 -22.69 -1.39 -18.27
CA GLU A 147 -21.78 -2.32 -17.55
C GLU A 147 -22.46 -3.67 -17.30
N ASP A 148 -23.57 -3.71 -16.57
CA ASP A 148 -24.25 -4.98 -16.22
C ASP A 148 -25.77 -4.74 -16.13
N VAL A 149 -26.21 -4.10 -15.07
CA VAL A 149 -27.66 -3.95 -14.74
C VAL A 149 -28.32 -3.07 -15.80
N TYR A 150 -27.60 -2.04 -16.27
CA TYR A 150 -28.11 -1.06 -17.26
C TYR A 150 -27.94 -1.59 -18.69
N ALA A 151 -27.49 -2.84 -18.85
CA ALA A 151 -27.22 -3.45 -20.17
C ALA A 151 -28.12 -4.67 -20.37
N VAL A 152 -28.88 -5.10 -19.36
CA VAL A 152 -29.85 -6.22 -19.53
C VAL A 152 -30.95 -5.73 -20.49
N VAL A 153 -31.18 -6.49 -21.55
CA VAL A 153 -32.12 -6.18 -22.65
C VAL A 153 -33.35 -7.08 -22.53
N THR A 154 -34.55 -6.50 -22.64
CA THR A 154 -35.80 -7.26 -22.86
C THR A 154 -36.40 -6.84 -24.22
N TYR A 155 -36.96 -7.82 -24.95
CA TYR A 155 -37.44 -7.75 -26.35
C TYR A 155 -38.97 -7.74 -26.38
N GLN A 156 -39.56 -6.95 -27.28
CA GLN A 156 -41.01 -7.01 -27.61
C GLN A 156 -41.15 -6.96 -29.12
N LEU A 157 -42.33 -7.35 -29.62
CA LEU A 157 -42.63 -7.49 -31.06
C LEU A 157 -43.96 -6.80 -31.31
N LEU A 158 -44.03 -5.99 -32.37
CA LEU A 158 -45.10 -5.00 -32.60
C LEU A 158 -45.49 -4.98 -34.08
N GLY A 159 -46.71 -4.51 -34.34
CA GLY A 159 -47.29 -4.30 -35.69
C GLY A 159 -48.40 -5.29 -35.96
N THR A 160 -49.03 -5.13 -37.13
CA THR A 160 -50.22 -5.90 -37.54
C THR A 160 -49.73 -7.30 -37.97
N HIS A 161 -50.34 -8.33 -37.36
CA HIS A 161 -50.01 -9.77 -37.53
C HIS A 161 -48.80 -10.14 -36.67
N SER A 162 -48.41 -9.30 -35.71
CA SER A 162 -47.39 -9.67 -34.69
C SER A 162 -47.99 -10.76 -33.78
N ASP A 163 -49.31 -10.72 -33.56
CA ASP A 163 -50.07 -11.69 -32.73
C ASP A 163 -50.05 -13.13 -33.32
N LEU A 164 -49.54 -13.36 -34.54
CA LEU A 164 -49.31 -14.74 -35.05
C LEU A 164 -48.09 -15.36 -34.35
N PHE A 165 -47.25 -14.55 -33.70
CA PHE A 165 -45.93 -14.98 -33.19
C PHE A 165 -45.79 -14.66 -31.71
N VAL A 166 -44.90 -15.36 -31.00
CA VAL A 166 -44.43 -14.94 -29.65
C VAL A 166 -42.94 -14.65 -29.79
N ILE A 167 -42.45 -13.71 -29.01
CA ILE A 167 -40.99 -13.45 -28.87
C ILE A 167 -40.63 -13.81 -27.42
N ASP A 168 -39.55 -14.57 -27.22
CA ASP A 168 -38.91 -14.75 -25.88
C ASP A 168 -38.33 -13.38 -25.47
N ASN A 169 -38.90 -12.76 -24.45
CA ASN A 169 -38.55 -11.35 -24.13
C ASN A 169 -37.14 -11.28 -23.49
N SER A 170 -36.37 -12.38 -23.44
CA SER A 170 -34.97 -12.38 -22.96
C SER A 170 -33.95 -12.75 -24.05
N THR A 171 -34.28 -13.63 -25.01
CA THR A 171 -33.35 -14.11 -26.08
C THR A 171 -33.63 -13.42 -27.43
N GLY A 172 -34.84 -12.86 -27.59
CA GLY A 172 -35.30 -12.23 -28.84
C GLY A 172 -35.75 -13.22 -29.89
N VAL A 173 -35.72 -14.53 -29.61
CA VAL A 173 -36.15 -15.62 -30.53
C VAL A 173 -37.65 -15.52 -30.78
N VAL A 174 -38.05 -15.52 -32.05
CA VAL A 174 -39.47 -15.38 -32.46
C VAL A 174 -39.97 -16.76 -32.89
N THR A 175 -41.14 -17.16 -32.40
CA THR A 175 -41.75 -18.48 -32.67
C THR A 175 -43.23 -18.29 -33.03
N VAL A 176 -43.80 -19.22 -33.79
CA VAL A 176 -45.25 -19.25 -34.10
C VAL A 176 -46.02 -19.43 -32.78
N ARG A 177 -47.05 -18.63 -32.49
CA ARG A 177 -47.89 -18.77 -31.28
C ARG A 177 -48.79 -20.02 -31.44
N SER A 178 -49.04 -20.75 -30.35
CA SER A 178 -49.94 -21.94 -30.34
C SER A 178 -51.40 -21.50 -30.48
N GLY A 179 -52.22 -22.37 -31.09
CA GLY A 179 -53.63 -22.09 -31.43
C GLY A 179 -53.77 -21.31 -32.72
N ILE A 180 -52.64 -20.92 -33.31
CA ILE A 180 -52.58 -20.21 -34.62
C ILE A 180 -51.84 -21.12 -35.60
N ILE A 181 -52.47 -21.35 -36.75
CA ILE A 181 -51.81 -21.95 -37.94
C ILE A 181 -51.90 -20.88 -39.03
N ILE A 182 -50.87 -20.77 -39.86
CA ILE A 182 -50.65 -19.64 -40.80
C ILE A 182 -51.06 -20.11 -42.20
N ASP A 183 -52.07 -19.46 -42.83
CA ASP A 183 -52.52 -19.77 -44.21
C ASP A 183 -51.98 -18.72 -45.19
N ARG A 184 -51.12 -19.11 -46.14
CA ARG A 184 -50.48 -18.14 -47.06
C ARG A 184 -51.57 -17.39 -47.85
N GLU A 185 -52.60 -18.10 -48.32
CA GLU A 185 -53.66 -17.54 -49.19
C GLU A 185 -54.49 -16.48 -48.43
N ALA A 186 -54.51 -16.49 -47.10
CA ALA A 186 -55.21 -15.50 -46.24
C ALA A 186 -54.62 -14.07 -46.40
N PHE A 187 -53.33 -13.95 -46.79
CA PHE A 187 -52.53 -12.68 -46.69
C PHE A 187 -52.31 -12.06 -48.07
N SER A 188 -52.57 -10.75 -48.14
CA SER A 188 -52.42 -9.86 -49.33
C SER A 188 -51.68 -8.60 -48.91
N PRO A 189 -50.34 -8.52 -49.05
CA PRO A 189 -49.52 -9.63 -49.57
C PRO A 189 -49.13 -10.65 -48.50
N PRO A 190 -48.48 -11.78 -48.89
CA PRO A 190 -47.93 -12.75 -47.93
C PRO A 190 -46.53 -12.33 -47.41
N PHE A 191 -46.52 -11.26 -46.64
CA PHE A 191 -45.32 -10.47 -46.30
C PHE A 191 -45.69 -9.51 -45.18
N LEU A 192 -45.00 -9.64 -44.07
CA LEU A 192 -45.29 -8.86 -42.84
C LEU A 192 -44.13 -7.91 -42.57
N GLU A 193 -44.42 -6.65 -42.26
CA GLU A 193 -43.42 -5.67 -41.80
C GLU A 193 -43.68 -5.49 -40.30
N LEU A 194 -42.87 -6.10 -39.44
CA LEU A 194 -43.05 -5.96 -37.98
C LEU A 194 -41.96 -5.05 -37.43
N LEU A 195 -42.15 -4.62 -36.18
CA LEU A 195 -41.14 -3.85 -35.43
C LEU A 195 -40.70 -4.63 -34.19
N LEU A 196 -39.39 -4.87 -34.09
CA LEU A 196 -38.70 -5.33 -32.88
C LEU A 196 -38.32 -4.13 -32.02
N LEU A 197 -38.46 -4.31 -30.72
CA LEU A 197 -38.20 -3.31 -29.68
C LEU A 197 -37.31 -3.98 -28.60
N ALA A 198 -36.19 -3.35 -28.27
CA ALA A 198 -35.24 -3.73 -27.21
C ALA A 198 -35.19 -2.60 -26.18
N GLU A 199 -35.38 -2.94 -24.91
CA GLU A 199 -35.49 -1.98 -23.78
C GLU A 199 -34.55 -2.43 -22.64
N ASP A 200 -33.86 -1.45 -22.04
CA ASP A 200 -33.05 -1.65 -20.82
C ASP A 200 -33.96 -1.28 -19.65
N ILE A 201 -33.47 -1.41 -18.41
CA ILE A 201 -34.30 -1.27 -17.19
C ILE A 201 -34.56 0.21 -16.90
N GLY A 202 -33.86 1.12 -17.60
CA GLY A 202 -34.12 2.57 -17.52
C GLY A 202 -35.10 3.03 -18.60
N GLN A 203 -35.74 2.08 -19.29
CA GLN A 203 -36.74 2.32 -20.37
C GLN A 203 -36.08 2.98 -21.60
N LEU A 204 -34.75 2.96 -21.76
CA LEU A 204 -34.10 3.40 -23.03
C LEU A 204 -34.26 2.26 -24.04
N ASN A 205 -34.77 2.52 -25.24
CA ASN A 205 -35.00 1.42 -26.21
C ASN A 205 -34.35 1.72 -27.55
N GLY A 206 -34.13 0.68 -28.34
CA GLY A 206 -33.80 0.71 -29.77
C GLY A 206 -34.78 -0.16 -30.52
N THR A 207 -34.84 0.02 -31.84
CA THR A 207 -35.83 -0.64 -32.74
C THR A 207 -35.14 -1.18 -33.99
N ALA A 208 -35.83 -2.06 -34.68
CA ALA A 208 -35.40 -2.65 -35.95
C ALA A 208 -36.65 -3.16 -36.66
N HIS A 209 -36.62 -3.10 -37.99
CA HIS A 209 -37.66 -3.67 -38.85
C HIS A 209 -37.42 -5.18 -38.88
N LEU A 210 -38.51 -5.93 -38.96
CA LEU A 210 -38.48 -7.39 -39.22
C LEU A 210 -39.44 -7.63 -40.39
N PHE A 211 -38.88 -7.95 -41.55
CA PHE A 211 -39.60 -8.30 -42.78
C PHE A 211 -39.65 -9.84 -42.86
N ILE A 212 -40.86 -10.41 -42.91
CA ILE A 212 -41.13 -11.88 -42.99
C ILE A 212 -41.85 -12.24 -44.31
N THR A 213 -41.22 -13.06 -45.15
CA THR A 213 -41.81 -13.81 -46.28
C THR A 213 -42.60 -15.00 -45.70
N ILE A 214 -43.89 -15.12 -46.00
CA ILE A 214 -44.63 -16.38 -45.70
C ILE A 214 -44.43 -17.31 -46.89
N LEU A 215 -43.81 -18.47 -46.71
CA LEU A 215 -43.53 -19.45 -47.80
C LEU A 215 -44.75 -20.38 -48.05
N ASP A 216 -44.85 -20.93 -49.27
CA ASP A 216 -45.77 -21.99 -49.71
C ASP A 216 -45.35 -23.36 -49.13
N ASP A 217 -46.15 -24.43 -49.31
CA ASP A 217 -45.69 -25.84 -49.14
C ASP A 217 -46.33 -26.72 -50.23
N ASN B 2 -18.77 14.10 20.53
CA ASN B 2 -19.19 13.34 19.32
C ASN B 2 -18.91 14.19 18.08
N ASP B 3 -17.64 14.62 17.90
CA ASP B 3 -17.17 15.45 16.75
C ASP B 3 -15.77 14.99 16.29
N PRO B 4 -15.63 14.51 15.02
CA PRO B 4 -14.44 13.77 14.59
C PRO B 4 -13.28 14.69 14.19
N VAL B 5 -12.59 15.22 15.19
CA VAL B 5 -11.38 16.07 15.01
C VAL B 5 -10.37 15.71 16.10
N LEU B 6 -9.09 15.58 15.72
CA LEU B 6 -8.02 15.09 16.61
C LEU B 6 -7.47 16.28 17.40
N LEU B 7 -7.67 16.29 18.72
CA LEU B 7 -7.28 17.43 19.60
C LEU B 7 -5.77 17.40 19.90
N ASN B 8 -5.11 16.25 20.00
CA ASN B 8 -3.73 16.20 20.58
C ASN B 8 -2.73 15.56 19.61
N LEU B 9 -3.06 15.46 18.32
CA LEU B 9 -2.14 15.05 17.24
C LEU B 9 -1.89 16.24 16.33
N PRO B 10 -0.71 16.42 15.70
CA PRO B 10 0.39 15.46 15.81
C PRO B 10 1.05 15.52 17.19
N MET B 11 1.77 14.45 17.55
CA MET B 11 2.34 14.21 18.91
C MET B 11 3.60 13.34 18.73
N ASN B 12 4.71 13.77 19.33
CA ASN B 12 5.95 12.99 19.56
C ASN B 12 5.88 12.31 20.92
N VAL B 13 6.13 11.01 20.97
CA VAL B 13 6.19 10.27 22.26
C VAL B 13 7.41 9.33 22.23
N THR B 14 8.14 9.29 23.34
CA THR B 14 9.32 8.43 23.56
C THR B 14 8.91 7.33 24.52
N ILE B 15 9.15 6.07 24.15
CA ILE B 15 8.90 4.91 25.05
C ILE B 15 10.15 4.04 25.05
N SER B 16 10.33 3.22 26.07
CA SER B 16 11.46 2.27 26.17
C SER B 16 11.27 1.16 25.12
N GLU B 17 12.33 0.77 24.42
CA GLU B 17 12.31 -0.46 23.58
C GLU B 17 11.99 -1.72 24.39
N ASN B 18 12.05 -1.68 25.72
CA ASN B 18 11.62 -2.81 26.61
C ASN B 18 10.15 -2.66 27.01
N SER B 19 9.42 -1.65 26.54
CA SER B 19 7.96 -1.54 26.82
C SER B 19 7.32 -2.88 26.51
N PRO B 20 6.71 -3.55 27.51
CA PRO B 20 6.12 -4.86 27.26
C PRO B 20 4.82 -4.71 26.46
N VAL B 21 4.37 -5.82 25.88
CA VAL B 21 3.07 -5.93 25.17
C VAL B 21 1.93 -5.39 26.07
N SER B 22 1.03 -4.62 25.47
CA SER B 22 -0.17 -3.98 26.11
C SER B 22 0.22 -2.81 27.02
N SER B 23 1.48 -2.42 27.09
CA SER B 23 1.87 -1.19 27.84
C SER B 23 1.35 0.05 27.09
N PHE B 24 0.98 1.06 27.86
CA PHE B 24 0.43 2.34 27.36
C PHE B 24 1.51 3.08 26.59
N VAL B 25 1.10 3.65 25.45
CA VAL B 25 1.92 4.53 24.56
C VAL B 25 1.34 5.96 24.54
N ALA B 26 0.05 6.11 24.18
CA ALA B 26 -0.57 7.44 23.98
C ALA B 26 -2.09 7.30 24.00
N HIS B 27 -2.78 8.34 24.44
CA HIS B 27 -4.26 8.50 24.35
C HIS B 27 -4.52 9.51 23.23
N VAL B 28 -5.15 9.08 22.13
CA VAL B 28 -5.58 9.99 21.03
C VAL B 28 -6.96 10.56 21.38
N LEU B 29 -7.05 11.89 21.47
CA LEU B 29 -8.27 12.63 21.89
C LEU B 29 -8.98 13.18 20.65
N ALA B 30 -10.28 12.85 20.50
CA ALA B 30 -11.25 13.47 19.55
C ALA B 30 -12.29 14.29 20.35
N SER B 31 -13.28 14.92 19.69
CA SER B 31 -14.14 16.00 20.29
C SER B 31 -15.41 15.42 20.95
N ASP B 32 -15.48 15.49 22.28
CA ASP B 32 -16.61 14.98 23.11
C ASP B 32 -17.42 16.19 23.61
N LEU B 40 -19.97 6.77 19.23
CA LEU B 40 -20.18 6.81 17.75
C LEU B 40 -18.82 6.93 17.01
N LEU B 41 -17.70 7.16 17.73
CA LEU B 41 -16.37 7.54 17.15
C LEU B 41 -15.45 6.34 16.98
N THR B 42 -14.94 6.13 15.76
CA THR B 42 -14.05 4.98 15.40
C THR B 42 -12.64 5.48 15.09
N PHE B 43 -11.68 4.95 15.86
CA PHE B 43 -10.23 5.17 15.70
C PHE B 43 -9.58 3.99 14.95
N ASN B 44 -8.55 4.30 14.16
CA ASN B 44 -7.73 3.30 13.41
C ASN B 44 -6.30 3.83 13.23
N ILE B 45 -5.34 2.93 12.99
CA ILE B 45 -3.97 3.25 12.52
C ILE B 45 -3.88 2.76 11.09
N THR B 46 -3.66 3.68 10.15
CA THR B 46 -3.87 3.43 8.71
C THR B 46 -2.53 3.28 7.98
N ALA B 47 -1.42 3.66 8.58
CA ALA B 47 -0.10 3.64 7.92
C ALA B 47 1.00 3.63 8.99
N GLY B 48 2.20 3.21 8.57
CA GLY B 48 3.43 3.23 9.38
C GLY B 48 3.46 2.17 10.48
N ASN B 49 2.44 1.30 10.59
CA ASN B 49 2.32 0.29 11.68
C ASN B 49 3.00 -1.00 11.20
N ARG B 50 4.32 -0.90 11.13
CA ARG B 50 5.26 -1.94 10.60
C ARG B 50 5.15 -3.16 11.52
N GLU B 51 4.75 -4.29 10.93
CA GLU B 51 4.66 -5.60 11.61
C GLU B 51 3.57 -5.53 12.68
N ARG B 52 2.69 -4.52 12.63
CA ARG B 52 1.61 -4.32 13.62
C ARG B 52 2.18 -4.31 15.04
N ALA B 53 3.16 -3.45 15.28
CA ALA B 53 3.86 -3.35 16.58
C ALA B 53 2.99 -2.58 17.57
N PHE B 54 1.96 -1.88 17.08
CA PHE B 54 1.07 -1.05 17.93
C PHE B 54 -0.38 -1.45 17.70
N PHE B 55 -1.24 -1.18 18.68
CA PHE B 55 -2.66 -1.58 18.68
C PHE B 55 -3.42 -0.36 19.18
N ILE B 56 -4.44 0.05 18.43
CA ILE B 56 -5.33 1.17 18.87
C ILE B 56 -6.67 0.56 19.25
N ASN B 57 -7.13 0.92 20.45
CA ASN B 57 -8.50 0.62 20.91
C ASN B 57 -9.46 1.44 20.04
N ALA B 58 -10.29 0.82 19.20
CA ALA B 58 -11.05 1.56 18.18
C ALA B 58 -12.08 2.51 18.83
N THR B 59 -12.49 2.30 20.09
CA THR B 59 -13.53 3.13 20.77
C THR B 59 -12.89 4.24 21.63
N THR B 60 -11.82 3.96 22.38
CA THR B 60 -11.23 4.92 23.37
C THR B 60 -10.06 5.69 22.75
N GLY B 61 -9.42 5.15 21.70
CA GLY B 61 -8.25 5.77 21.07
C GLY B 61 -6.96 5.57 21.87
N ILE B 62 -6.97 4.66 22.85
CA ILE B 62 -5.76 4.26 23.62
C ILE B 62 -4.87 3.45 22.68
N VAL B 63 -3.62 3.88 22.50
CA VAL B 63 -2.58 3.13 21.74
C VAL B 63 -1.70 2.37 22.73
N THR B 64 -1.48 1.08 22.47
CA THR B 64 -0.62 0.22 23.31
C THR B 64 0.36 -0.55 22.42
N VAL B 65 1.45 -1.01 23.04
CA VAL B 65 2.43 -1.91 22.39
C VAL B 65 1.70 -3.22 22.09
N ASN B 66 1.93 -3.75 20.88
CA ASN B 66 1.31 -5.00 20.37
C ASN B 66 2.33 -6.11 20.08
N ARG B 67 3.64 -5.83 20.05
CA ARG B 67 4.70 -6.83 19.78
C ARG B 67 5.97 -6.35 20.45
N PRO B 68 6.86 -7.26 20.89
CA PRO B 68 8.13 -6.85 21.47
C PRO B 68 8.87 -5.97 20.47
N LEU B 69 9.35 -4.82 20.94
CA LEU B 69 9.99 -3.75 20.15
C LEU B 69 11.52 -3.92 20.28
N ASP B 70 12.27 -3.36 19.34
CA ASP B 70 13.75 -3.44 19.34
C ASP B 70 14.31 -2.19 18.67
N ARG B 71 14.89 -1.25 19.42
CA ARG B 71 15.48 -0.02 18.84
C ARG B 71 16.56 -0.40 17.83
N GLU B 72 17.32 -1.49 18.07
CA GLU B 72 18.41 -1.96 17.19
C GLU B 72 17.85 -2.52 15.88
N ARG B 73 16.55 -2.73 15.76
CA ARG B 73 15.89 -3.25 14.52
C ARG B 73 15.10 -2.11 13.87
N ILE B 74 14.14 -1.52 14.60
CA ILE B 74 13.34 -0.35 14.13
C ILE B 74 13.23 0.67 15.26
N PRO B 75 13.98 1.80 15.18
CA PRO B 75 14.07 2.75 16.28
C PRO B 75 12.95 3.80 16.33
N GLU B 76 12.24 3.98 15.22
CA GLU B 76 11.27 5.10 15.04
C GLU B 76 10.07 4.56 14.26
N TYR B 77 8.86 4.88 14.72
CA TYR B 77 7.61 4.60 13.98
C TYR B 77 6.87 5.93 13.74
N ARG B 78 6.40 6.14 12.51
CA ARG B 78 5.56 7.31 12.11
C ARG B 78 4.17 6.74 11.81
N LEU B 79 3.26 6.78 12.79
CA LEU B 79 1.92 6.18 12.68
C LEU B 79 0.97 7.26 12.16
N THR B 80 0.24 6.95 11.10
CA THR B 80 -0.95 7.73 10.68
C THR B 80 -2.17 7.20 11.43
N VAL B 81 -2.88 8.09 12.11
CA VAL B 81 -4.10 7.75 12.88
C VAL B 81 -5.27 8.49 12.26
N SER B 82 -6.39 7.80 12.10
CA SER B 82 -7.69 8.35 11.60
C SER B 82 -8.74 8.25 12.71
N VAL B 83 -9.63 9.24 12.79
CA VAL B 83 -10.90 9.12 13.54
C VAL B 83 -12.06 9.43 12.59
N LYS B 84 -13.00 8.50 12.44
CA LYS B 84 -14.26 8.75 11.67
C LYS B 84 -15.45 8.71 12.63
N ASP B 85 -16.46 9.57 12.40
CA ASP B 85 -17.83 9.35 12.95
C ASP B 85 -18.48 8.26 12.10
N ASN B 86 -19.57 7.68 12.60
CA ASN B 86 -20.42 6.71 11.85
C ASN B 86 -21.85 7.23 11.89
N PRO B 87 -22.19 8.14 10.94
CA PRO B 87 -23.53 8.71 10.85
C PRO B 87 -24.45 7.84 9.97
N GLU B 88 -25.75 8.19 9.99
CA GLU B 88 -26.85 7.52 9.25
C GLU B 88 -26.40 7.31 7.79
N ASN B 89 -25.85 8.35 7.14
CA ASN B 89 -25.37 8.35 5.72
C ASN B 89 -23.83 8.30 5.68
N PRO B 90 -23.17 7.30 5.02
CA PRO B 90 -21.70 7.25 4.95
C PRO B 90 -20.97 8.36 4.17
N ARG B 91 -21.69 9.11 3.33
CA ARG B 91 -21.15 10.15 2.39
C ARG B 91 -20.70 11.41 3.15
N ILE B 92 -21.44 11.84 4.19
CA ILE B 92 -21.17 13.08 5.00
C ILE B 92 -20.36 12.77 6.27
N ALA B 93 -19.75 11.57 6.38
CA ALA B 93 -18.71 11.22 7.38
C ALA B 93 -17.60 12.28 7.32
N ARG B 94 -17.18 12.78 8.49
CA ARG B 94 -15.87 13.45 8.65
C ARG B 94 -14.90 12.41 9.23
N LYS B 95 -13.94 11.98 8.40
CA LYS B 95 -12.71 11.26 8.80
C LYS B 95 -11.59 12.30 8.93
N ASP B 96 -10.91 12.37 10.08
CA ASP B 96 -9.71 13.23 10.28
C ASP B 96 -8.48 12.32 10.41
N PHE B 97 -7.30 12.84 10.06
CA PHE B 97 -6.03 12.09 10.01
C PHE B 97 -4.91 12.93 10.61
N ASP B 98 -4.01 12.34 11.41
CA ASP B 98 -2.71 12.98 11.69
C ASP B 98 -1.67 11.92 12.14
N LEU B 99 -0.56 12.41 12.69
CA LEU B 99 0.66 11.61 12.95
C LEU B 99 0.87 11.43 14.45
N LEU B 100 1.12 10.20 14.88
CA LEU B 100 1.70 9.86 16.20
C LEU B 100 3.13 9.34 15.91
N LEU B 101 4.17 10.09 16.29
CA LEU B 101 5.58 9.69 16.06
C LEU B 101 6.09 9.01 17.33
N VAL B 102 6.48 7.75 17.23
CA VAL B 102 6.95 6.94 18.39
C VAL B 102 8.44 6.70 18.24
N SER B 103 9.26 7.26 19.16
CA SER B 103 10.72 7.04 19.27
C SER B 103 10.99 6.03 20.40
N LEU B 104 11.81 5.02 20.13
CA LEU B 104 12.22 4.02 21.14
C LEU B 104 13.48 4.53 21.83
N ALA B 105 13.43 4.70 23.14
CA ALA B 105 14.60 5.02 24.01
C ALA B 105 15.48 3.77 24.12
N ASP B 106 16.79 3.93 23.97
CA ASP B 106 17.75 2.79 23.99
C ASP B 106 17.79 2.20 25.40
N GLU B 107 17.71 0.88 25.50
CA GLU B 107 18.04 0.16 26.76
C GLU B 107 19.35 -0.60 26.52
N ASN B 108 20.08 -0.88 27.59
CA ASN B 108 21.35 -1.63 27.53
C ASN B 108 21.01 -3.11 27.43
N ASP B 109 20.60 -3.58 26.25
CA ASP B 109 20.20 -4.99 26.03
C ASP B 109 21.20 -5.65 25.08
N ASN B 110 22.36 -5.06 24.85
CA ASN B 110 23.42 -5.74 24.06
C ASN B 110 24.74 -5.66 24.82
N HIS B 111 25.60 -6.66 24.66
CA HIS B 111 26.94 -6.69 25.28
C HIS B 111 27.98 -6.57 24.18
N PRO B 112 29.23 -6.15 24.49
CA PRO B 112 30.29 -6.10 23.49
C PRO B 112 30.59 -7.52 23.00
N LEU B 113 30.66 -7.65 21.68
CA LEU B 113 30.99 -8.89 20.94
C LEU B 113 32.35 -8.69 20.28
N PHE B 114 33.34 -9.49 20.65
CA PHE B 114 34.64 -9.48 19.94
C PHE B 114 34.35 -9.92 18.50
N THR B 115 35.09 -9.35 17.55
CA THR B 115 35.08 -9.74 16.12
C THR B 115 35.62 -11.17 15.95
N GLU B 116 36.40 -11.70 16.91
CA GLU B 116 36.93 -13.09 16.88
C GLU B 116 36.76 -13.71 18.27
N GLY B 117 36.51 -15.02 18.30
CA GLY B 117 36.44 -15.82 19.53
C GLY B 117 37.84 -16.03 20.08
N THR B 118 38.79 -16.23 19.15
CA THR B 118 40.24 -16.39 19.43
C THR B 118 41.04 -15.52 18.47
N TYR B 119 41.83 -14.61 19.02
CA TYR B 119 42.82 -13.81 18.26
C TYR B 119 44.15 -14.54 18.30
N GLN B 120 44.83 -14.59 17.15
CA GLN B 120 46.20 -15.14 17.03
C GLN B 120 47.17 -13.98 16.90
N ALA B 121 48.28 -14.01 17.63
CA ALA B 121 49.18 -12.85 17.66
C ALA B 121 50.60 -13.33 17.93
N GLU B 122 51.54 -12.42 17.74
CA GLU B 122 52.98 -12.73 17.87
C GLU B 122 53.70 -11.44 18.27
N VAL B 123 54.81 -11.58 18.99
CA VAL B 123 55.70 -10.47 19.42
C VAL B 123 57.12 -11.03 19.45
N MET B 124 58.06 -10.25 18.92
CA MET B 124 59.50 -10.62 18.86
C MET B 124 60.10 -10.53 20.28
N GLU B 125 60.88 -11.52 20.73
CA GLU B 125 61.68 -11.41 21.98
C GLU B 125 62.57 -10.16 21.88
N ASN B 126 62.86 -9.50 23.01
CA ASN B 126 63.69 -8.28 23.10
C ASN B 126 63.02 -7.08 22.43
N SER B 127 61.71 -7.15 22.15
CA SER B 127 60.96 -5.97 21.64
C SER B 127 61.04 -4.85 22.67
N PRO B 128 61.31 -3.60 22.26
CA PRO B 128 61.29 -2.46 23.18
C PRO B 128 59.88 -2.14 23.68
N ALA B 129 59.79 -1.43 24.81
CA ALA B 129 58.54 -0.89 25.38
C ALA B 129 57.75 -0.20 24.25
N GLY B 130 56.42 -0.34 24.23
CA GLY B 130 55.52 0.33 23.28
C GLY B 130 55.37 -0.42 21.95
N THR B 131 56.12 -1.49 21.70
CA THR B 131 55.97 -2.29 20.45
C THR B 131 54.56 -2.89 20.47
N PRO B 132 53.70 -2.62 19.46
CA PRO B 132 52.37 -3.23 19.43
C PRO B 132 52.49 -4.74 19.23
N LEU B 133 51.56 -5.52 19.78
CA LEU B 133 51.33 -6.92 19.34
C LEU B 133 51.08 -6.89 17.83
N THR B 134 51.64 -7.82 17.08
CA THR B 134 51.24 -8.14 15.70
C THR B 134 50.06 -9.11 15.83
N VAL B 135 48.86 -8.66 15.50
CA VAL B 135 47.62 -9.48 15.61
C VAL B 135 47.17 -9.93 14.22
N LEU B 136 47.30 -11.21 13.90
CA LEU B 136 47.19 -11.71 12.49
C LEU B 136 45.72 -11.79 12.05
N ASN B 137 44.82 -11.49 12.99
CA ASN B 137 43.39 -11.84 13.04
C ASN B 137 42.54 -10.56 13.08
N GLY B 138 42.74 -9.62 12.11
CA GLY B 138 42.18 -8.24 12.09
C GLY B 138 42.62 -7.56 13.38
N PRO B 139 42.25 -6.29 13.65
CA PRO B 139 42.59 -5.66 14.93
C PRO B 139 41.72 -6.21 16.07
N ILE B 140 42.22 -6.20 17.29
CA ILE B 140 41.38 -6.48 18.49
C ILE B 140 40.21 -5.50 18.51
N LEU B 141 38.97 -5.98 18.55
CA LEU B 141 37.78 -5.10 18.47
C LEU B 141 36.54 -5.81 19.03
N ALA B 142 35.84 -5.12 19.93
CA ALA B 142 34.51 -5.46 20.46
C ALA B 142 33.51 -4.37 20.07
N LEU B 143 32.40 -4.79 19.46
CA LEU B 143 31.26 -3.94 19.02
C LEU B 143 30.05 -4.23 19.88
N ASP B 144 29.46 -3.17 20.37
CA ASP B 144 28.23 -3.19 21.19
C ASP B 144 27.16 -2.51 20.36
N ALA B 145 26.11 -3.26 20.02
CA ALA B 145 25.03 -2.86 19.08
C ALA B 145 24.12 -1.72 19.64
N ASP B 146 24.21 -1.33 20.90
CA ASP B 146 23.35 -0.25 21.49
C ASP B 146 23.68 1.12 20.84
N GLU B 147 23.03 2.22 21.24
CA GLU B 147 22.93 3.48 20.46
C GLU B 147 24.21 4.32 20.61
N ASP B 148 24.54 4.75 21.83
CA ASP B 148 25.69 5.68 22.04
C ASP B 148 26.28 5.37 23.42
N VAL B 149 25.75 5.96 24.49
CA VAL B 149 26.32 5.83 25.85
C VAL B 149 26.39 4.33 26.25
N TYR B 150 25.43 3.49 25.86
CA TYR B 150 25.41 2.06 26.24
C TYR B 150 26.22 1.21 25.25
N ALA B 151 26.94 1.83 24.30
CA ALA B 151 27.78 1.11 23.31
C ALA B 151 29.27 1.44 23.43
N VAL B 152 29.66 2.36 24.30
CA VAL B 152 31.09 2.68 24.56
C VAL B 152 31.70 1.48 25.29
N VAL B 153 32.75 0.94 24.71
CA VAL B 153 33.47 -0.26 25.22
C VAL B 153 34.75 0.18 25.91
N THR B 154 35.09 -0.44 27.04
CA THR B 154 36.46 -0.44 27.62
C THR B 154 37.03 -1.87 27.67
N TYR B 155 38.34 -1.98 27.39
CA TYR B 155 39.11 -3.22 27.19
C TYR B 155 40.02 -3.45 28.40
N GLN B 156 40.10 -4.70 28.87
CA GLN B 156 41.09 -5.18 29.87
C GLN B 156 41.73 -6.46 29.34
N LEU B 157 42.85 -6.84 29.96
CA LEU B 157 43.69 -8.00 29.57
C LEU B 157 44.04 -8.78 30.84
N LEU B 158 43.66 -10.07 30.90
CA LEU B 158 43.80 -10.96 32.09
C LEU B 158 44.66 -12.15 31.72
N GLY B 159 45.21 -12.80 32.75
CA GLY B 159 45.88 -14.10 32.66
C GLY B 159 47.36 -14.02 32.93
N THR B 160 48.00 -15.20 32.84
CA THR B 160 49.27 -15.56 33.51
C THR B 160 50.32 -14.49 33.20
N HIS B 161 50.74 -14.30 31.95
CA HIS B 161 51.80 -13.29 31.70
C HIS B 161 51.20 -12.02 31.09
N SER B 162 50.01 -11.58 31.51
CA SER B 162 49.39 -10.34 30.99
C SER B 162 50.26 -9.13 31.36
N ASP B 163 51.01 -9.23 32.44
CA ASP B 163 51.85 -8.14 32.98
C ASP B 163 53.01 -7.80 32.02
N LEU B 164 53.36 -8.64 31.04
CA LEU B 164 54.35 -8.28 29.98
C LEU B 164 53.80 -7.11 29.16
N PHE B 165 52.48 -6.92 29.15
CA PHE B 165 51.76 -6.01 28.24
C PHE B 165 50.93 -5.00 29.04
N VAL B 166 50.58 -3.90 28.39
CA VAL B 166 49.46 -3.01 28.77
C VAL B 166 48.50 -3.00 27.58
N ILE B 167 47.22 -2.75 27.86
CA ILE B 167 46.20 -2.56 26.79
C ILE B 167 45.66 -1.13 26.91
N ASP B 168 45.49 -0.46 25.79
CA ASP B 168 44.70 0.79 25.71
C ASP B 168 43.23 0.48 26.04
N ASN B 169 42.72 1.09 27.12
CA ASN B 169 41.38 0.84 27.70
C ASN B 169 40.28 1.23 26.73
N SER B 170 40.56 2.06 25.73
CA SER B 170 39.53 2.52 24.77
C SER B 170 39.75 1.95 23.36
N THR B 171 40.98 1.62 22.92
CA THR B 171 41.24 1.17 21.52
C THR B 171 41.50 -0.34 21.42
N GLY B 172 41.81 -1.00 22.55
CA GLY B 172 42.13 -2.44 22.61
C GLY B 172 43.51 -2.77 22.06
N VAL B 173 44.32 -1.77 21.70
CA VAL B 173 45.72 -2.03 21.24
C VAL B 173 46.58 -2.50 22.43
N VAL B 174 47.23 -3.64 22.25
CA VAL B 174 48.15 -4.27 23.24
C VAL B 174 49.58 -3.97 22.78
N THR B 175 50.36 -3.34 23.68
CA THR B 175 51.81 -3.00 23.53
C THR B 175 52.62 -3.68 24.65
N VAL B 176 53.93 -3.79 24.45
CA VAL B 176 54.90 -4.28 25.47
C VAL B 176 54.96 -3.23 26.58
N ARG B 177 54.86 -3.68 27.85
CA ARG B 177 54.88 -2.81 29.05
C ARG B 177 56.28 -2.16 29.15
N SER B 178 56.36 -0.92 29.64
CA SER B 178 57.65 -0.20 29.84
C SER B 178 58.43 -0.89 30.97
N GLY B 179 59.76 -0.95 30.81
CA GLY B 179 60.72 -1.52 31.78
C GLY B 179 60.81 -3.03 31.70
N ILE B 180 60.21 -3.65 30.68
CA ILE B 180 60.20 -5.12 30.58
C ILE B 180 60.87 -5.52 29.27
N ILE B 181 61.56 -6.66 29.31
CA ILE B 181 62.38 -7.25 28.22
C ILE B 181 61.98 -8.72 28.12
N ILE B 182 61.53 -9.16 26.94
CA ILE B 182 61.00 -10.54 26.74
C ILE B 182 62.16 -11.42 26.26
N ASP B 183 62.42 -12.53 26.96
CA ASP B 183 63.46 -13.53 26.62
C ASP B 183 62.79 -14.88 26.36
N ARG B 184 62.84 -15.37 25.13
CA ARG B 184 62.05 -16.56 24.70
C ARG B 184 62.39 -17.72 25.64
N GLU B 185 63.65 -17.81 26.11
CA GLU B 185 64.15 -18.93 26.96
C GLU B 185 63.52 -18.89 28.35
N ALA B 186 63.07 -17.73 28.83
CA ALA B 186 62.43 -17.56 30.16
C ALA B 186 61.08 -18.28 30.17
N PHE B 187 60.40 -18.38 29.01
CA PHE B 187 59.02 -18.88 28.84
C PHE B 187 59.03 -20.34 28.43
N SER B 188 58.31 -21.14 29.21
CA SER B 188 58.14 -22.60 29.01
C SER B 188 56.65 -22.91 29.10
N PRO B 189 55.88 -22.94 27.99
CA PRO B 189 56.39 -22.69 26.63
C PRO B 189 56.45 -21.23 26.22
N PRO B 190 57.11 -20.89 25.08
CA PRO B 190 57.17 -19.50 24.60
C PRO B 190 55.86 -19.08 23.90
N PHE B 191 54.75 -19.16 24.65
CA PHE B 191 53.35 -19.14 24.16
C PHE B 191 52.36 -18.78 25.29
N LEU B 192 51.65 -17.67 25.13
CA LEU B 192 50.75 -17.14 26.19
C LEU B 192 49.29 -17.31 25.75
N GLU B 193 48.47 -17.85 26.65
CA GLU B 193 47.00 -17.92 26.51
C GLU B 193 46.41 -16.85 27.44
N LEU B 194 46.05 -15.68 26.90
CA LEU B 194 45.44 -14.56 27.65
C LEU B 194 43.94 -14.47 27.36
N LEU B 195 43.22 -13.74 28.21
CA LEU B 195 41.81 -13.41 28.01
C LEU B 195 41.65 -11.90 27.81
N LEU B 196 40.92 -11.52 26.77
CA LEU B 196 40.48 -10.12 26.54
C LEU B 196 39.07 -9.96 27.08
N LEU B 197 38.82 -8.81 27.70
CA LEU B 197 37.56 -8.46 28.38
C LEU B 197 37.11 -7.10 27.86
N ALA B 198 35.86 -7.00 27.43
CA ALA B 198 35.28 -5.74 26.94
C ALA B 198 33.97 -5.53 27.68
N GLU B 199 33.78 -4.33 28.19
CA GLU B 199 32.74 -3.98 29.18
C GLU B 199 32.07 -2.70 28.69
N ASP B 200 30.74 -2.60 28.81
CA ASP B 200 30.01 -1.31 28.60
C ASP B 200 29.72 -0.69 29.97
N ILE B 201 29.12 0.49 29.97
CA ILE B 201 28.89 1.25 31.23
C ILE B 201 27.83 0.55 32.11
N GLY B 202 27.12 -0.47 31.62
CA GLY B 202 26.20 -1.29 32.44
C GLY B 202 26.89 -2.54 32.97
N GLN B 203 28.21 -2.66 32.81
CA GLN B 203 29.01 -3.83 33.26
C GLN B 203 28.63 -5.09 32.50
N LEU B 204 27.92 -5.01 31.39
CA LEU B 204 27.75 -6.19 30.50
C LEU B 204 29.07 -6.37 29.76
N ASN B 205 29.61 -7.58 29.72
CA ASN B 205 30.90 -7.82 29.06
C ASN B 205 30.81 -9.02 28.09
N GLY B 206 31.75 -9.07 27.15
CA GLY B 206 32.16 -10.26 26.38
C GLY B 206 33.67 -10.49 26.49
N THR B 207 34.12 -11.66 26.09
CA THR B 207 35.53 -12.09 26.21
C THR B 207 35.95 -12.75 24.91
N ALA B 208 37.23 -12.97 24.77
CA ALA B 208 37.91 -13.59 23.62
C ALA B 208 39.25 -14.07 24.12
N HIS B 209 39.72 -15.21 23.63
CA HIS B 209 41.09 -15.71 23.91
C HIS B 209 42.07 -14.88 23.07
N LEU B 210 43.29 -14.72 23.58
CA LEU B 210 44.43 -14.10 22.87
C LEU B 210 45.61 -15.05 23.03
N PHE B 211 45.96 -15.74 21.95
CA PHE B 211 47.10 -16.67 21.87
C PHE B 211 48.26 -15.91 21.23
N ILE B 212 49.39 -15.80 21.95
CA ILE B 212 50.58 -15.03 21.53
C ILE B 212 51.80 -15.95 21.39
N THR B 213 52.38 -16.00 20.20
CA THR B 213 53.66 -16.70 19.93
C THR B 213 54.79 -15.72 20.22
N ILE B 214 55.70 -16.05 21.12
CA ILE B 214 56.96 -15.27 21.31
C ILE B 214 57.98 -15.77 20.29
N LEU B 215 58.41 -14.87 19.40
CA LEU B 215 59.34 -15.20 18.28
C LEU B 215 60.80 -15.02 18.69
N ASP B 216 61.67 -15.92 18.21
CA ASP B 216 63.15 -15.81 18.22
C ASP B 216 63.60 -14.65 17.28
N ASP B 217 64.82 -14.14 17.46
CA ASP B 217 65.47 -13.16 16.54
C ASP B 217 65.94 -13.87 15.26
#